data_4CII
#
_entry.id   4CII
#
_cell.length_a   61.841
_cell.length_b   61.841
_cell.length_c   244.499
_cell.angle_alpha   90.00
_cell.angle_beta   90.00
_cell.angle_gamma   120.00
#
_symmetry.space_group_name_H-M   'P 65 2 2'
#
loop_
_entity.id
_entity.type
_entity.pdbx_description
1 polymer 'CAG PATHOGENICITY ISLAND PROTEIN (CAG18)'
2 non-polymer (4R)-2-METHYLPENTANE-2,4-DIOL
3 water water
#
_entity_poly.entity_id   1
_entity_poly.type   'polypeptide(L)'
_entity_poly.pdbx_seq_one_letter_code
;EDITSGLKQLDSTYQETNQQVLKNLDEIFSTTSPSANNEMGEEDALNIKKAAIALRGDLALLKANFEANELFFISEDVIF
KTYMSSPELLLTYMKINPLDQNTAEQQCGISDKVLVLYCEGKLKIEQEKQNIRERLETSLKAYQSNIGGTASLITASQTL
VESLKNKNFIKGIRKLMLAHNKVFLNYLEELDALERSLEQSKRQYLQERQSSKIIVKLEHHHHHH
;
_entity_poly.pdbx_strand_id   A
#
loop_
_chem_comp.id
_chem_comp.type
_chem_comp.name
_chem_comp.formula
MRD non-polymer (4R)-2-METHYLPENTANE-2,4-DIOL 'C6 H14 O2'
#
# COMPACT_ATOMS: atom_id res chain seq x y z
N GLY A 41 -7.21 -16.27 10.96
CA GLY A 41 -5.90 -16.91 10.93
C GLY A 41 -5.47 -17.21 9.51
N GLU A 42 -5.62 -18.48 9.11
CA GLU A 42 -5.33 -18.92 7.75
C GLU A 42 -6.10 -18.08 6.73
N GLU A 43 -7.41 -17.99 6.91
CA GLU A 43 -8.26 -17.21 6.00
C GLU A 43 -7.82 -15.73 5.88
N ASP A 44 -7.63 -15.08 7.04
CA ASP A 44 -7.25 -13.66 7.07
C ASP A 44 -5.91 -13.39 6.37
N ALA A 45 -4.91 -14.25 6.62
CA ALA A 45 -3.60 -14.09 6.00
C ALA A 45 -3.63 -14.39 4.50
N LEU A 46 -4.53 -15.28 4.09
CA LEU A 46 -4.72 -15.63 2.69
C LEU A 46 -5.44 -14.50 1.94
N ASN A 47 -6.47 -13.94 2.59
CA ASN A 47 -7.17 -12.80 2.02
C ASN A 47 -6.26 -11.57 1.92
N ILE A 48 -5.38 -11.36 2.90
CA ILE A 48 -4.40 -10.29 2.80
C ILE A 48 -3.45 -10.51 1.58
N LYS A 49 -3.07 -11.77 1.31
CA LYS A 49 -2.14 -12.08 0.22
C LYS A 49 -2.77 -11.89 -1.17
N LYS A 50 -4.00 -12.35 -1.34
CA LYS A 50 -4.74 -12.15 -2.59
C LYS A 50 -4.96 -10.67 -2.87
N ALA A 51 -5.39 -9.93 -1.84
CA ALA A 51 -5.68 -8.51 -1.98
C ALA A 51 -4.43 -7.70 -2.28
N ALA A 52 -3.32 -8.02 -1.59
CA ALA A 52 -2.04 -7.34 -1.81
C ALA A 52 -1.55 -7.44 -3.26
N ILE A 53 -1.63 -8.64 -3.83
CA ILE A 53 -1.11 -8.88 -5.17
C ILE A 53 -2.02 -8.22 -6.21
N ALA A 54 -3.33 -8.31 -6.01
CA ALA A 54 -4.25 -7.64 -6.92
C ALA A 54 -4.03 -6.14 -6.82
N LEU A 55 -3.79 -5.66 -5.60
CA LEU A 55 -3.66 -4.23 -5.39
C LEU A 55 -2.34 -3.74 -5.98
N ARG A 56 -1.28 -4.52 -5.86
CA ARG A 56 -0.01 -4.18 -6.47
C ARG A 56 -0.15 -4.01 -8.00
N GLY A 57 -0.87 -4.93 -8.65
CA GLY A 57 -1.16 -4.84 -10.08
C GLY A 57 -1.90 -3.55 -10.41
N ASP A 58 -3.00 -3.30 -9.69
CA ASP A 58 -3.77 -2.07 -9.86
C ASP A 58 -2.90 -0.83 -9.76
N LEU A 59 -2.06 -0.76 -8.73
CA LEU A 59 -1.26 0.45 -8.52
C LEU A 59 -0.16 0.60 -9.58
N ALA A 60 0.38 -0.52 -10.02
CA ALA A 60 1.36 -0.55 -11.07
C ALA A 60 0.75 0.01 -12.38
N LEU A 61 -0.52 -0.33 -12.65
CA LEU A 61 -1.19 0.16 -13.86
C LEU A 61 -1.49 1.65 -13.77
N LEU A 62 -1.98 2.11 -12.62
CA LEU A 62 -2.23 3.53 -12.40
C LEU A 62 -0.95 4.35 -12.53
N LYS A 63 0.10 3.87 -11.89
CA LYS A 63 1.40 4.53 -11.95
C LYS A 63 1.97 4.64 -13.37
N ALA A 64 1.86 3.58 -14.17
CA ALA A 64 2.41 3.57 -15.52
C ALA A 64 1.65 4.57 -16.38
N ASN A 65 0.39 4.79 -16.05
CA ASN A 65 -0.44 5.75 -16.74
C ASN A 65 -0.01 7.16 -16.39
N PHE A 66 0.18 7.43 -15.11
CA PHE A 66 0.70 8.72 -14.67
C PHE A 66 2.06 9.01 -15.30
N GLU A 67 2.94 8.02 -15.31
CA GLU A 67 4.30 8.22 -15.81
C GLU A 67 4.33 8.46 -17.32
N ALA A 68 3.46 7.74 -18.04
CA ALA A 68 3.39 7.90 -19.47
C ALA A 68 2.90 9.34 -19.76
N ASN A 69 1.95 9.84 -18.96
CA ASN A 69 1.52 11.22 -19.09
C ASN A 69 2.67 12.20 -18.84
N GLU A 70 3.40 12.00 -17.74
CA GLU A 70 4.51 12.90 -17.41
C GLU A 70 5.58 12.97 -18.50
N LEU A 71 5.90 11.81 -19.06
N LEU A 71 5.92 11.82 -19.07
CA LEU A 71 6.85 11.74 -20.18
CA LEU A 71 6.87 11.78 -20.17
C LEU A 71 6.35 12.53 -21.38
C LEU A 71 6.34 12.58 -21.37
N PHE A 72 5.06 12.43 -21.67
CA PHE A 72 4.44 13.21 -22.74
C PHE A 72 4.45 14.71 -22.42
N PHE A 73 4.11 15.07 -21.19
CA PHE A 73 4.10 16.45 -20.79
C PHE A 73 5.48 17.12 -20.94
N ILE A 74 6.55 16.38 -20.73
CA ILE A 74 7.89 16.95 -20.82
C ILE A 74 8.24 17.33 -22.27
N SER A 75 7.99 16.41 -23.20
CA SER A 75 8.27 16.67 -24.60
C SER A 75 7.29 17.68 -25.17
N GLU A 76 6.05 17.64 -24.70
CA GLU A 76 5.03 18.53 -25.24
C GLU A 76 5.21 19.97 -24.75
N ASP A 77 5.70 20.16 -23.51
CA ASP A 77 5.98 21.52 -23.04
C ASP A 77 7.04 22.19 -23.92
N VAL A 78 8.04 21.41 -24.36
CA VAL A 78 9.11 21.92 -25.21
C VAL A 78 8.53 22.51 -26.50
N ILE A 79 7.65 21.75 -27.13
CA ILE A 79 6.96 22.14 -28.36
C ILE A 79 6.23 23.46 -28.18
N PHE A 80 5.52 23.61 -27.07
CA PHE A 80 4.76 24.83 -26.78
C PHE A 80 5.63 26.05 -26.44
N LYS A 81 6.91 25.81 -26.14
CA LYS A 81 7.85 26.90 -25.89
C LYS A 81 8.65 27.23 -27.14
N THR A 82 8.56 26.37 -28.15
CA THR A 82 9.26 26.60 -29.42
C THR A 82 8.27 26.85 -30.56
N TYR A 83 8.14 25.88 -31.46
CA TYR A 83 7.40 26.16 -32.72
C TYR A 83 5.88 26.28 -32.57
N MET A 84 5.33 25.91 -31.41
CA MET A 84 3.92 26.13 -31.18
C MET A 84 3.68 27.34 -30.25
N SER A 85 4.71 28.15 -30.03
CA SER A 85 4.59 29.28 -29.11
C SER A 85 4.08 30.56 -29.79
N SER A 86 4.12 30.59 -31.13
CA SER A 86 3.61 31.75 -31.88
C SER A 86 3.43 31.41 -33.35
N PRO A 87 2.53 32.14 -34.06
CA PRO A 87 2.34 31.90 -35.50
C PRO A 87 3.65 32.06 -36.26
N GLU A 88 4.48 32.99 -35.81
N GLU A 88 4.48 32.99 -35.78
CA GLU A 88 5.76 33.28 -36.47
CA GLU A 88 5.77 33.31 -36.37
C GLU A 88 6.70 32.06 -36.43
C GLU A 88 6.69 32.10 -36.41
N LEU A 89 6.88 31.47 -35.25
CA LEU A 89 7.75 30.32 -35.10
C LEU A 89 7.16 29.06 -35.74
N LEU A 90 5.83 28.96 -35.75
CA LEU A 90 5.16 27.86 -36.45
C LEU A 90 5.42 27.93 -37.96
N LEU A 91 5.19 29.10 -38.55
CA LEU A 91 5.41 29.28 -39.98
C LEU A 91 6.87 29.01 -40.36
N THR A 92 7.80 29.50 -39.54
CA THR A 92 9.23 29.27 -39.76
C THR A 92 9.53 27.78 -39.72
N TYR A 93 8.92 27.08 -38.76
CA TYR A 93 9.11 25.65 -38.61
C TYR A 93 8.56 24.88 -39.81
N MET A 94 7.41 25.33 -40.33
CA MET A 94 6.75 24.64 -41.42
C MET A 94 7.46 24.86 -42.76
N LYS A 95 8.31 25.87 -42.83
CA LYS A 95 9.08 26.13 -44.05
C LYS A 95 10.25 25.16 -44.10
N ILE A 96 10.80 24.86 -42.92
CA ILE A 96 11.97 24.00 -42.76
C ILE A 96 11.55 22.54 -42.69
N ASN A 97 10.42 22.30 -42.06
CA ASN A 97 9.89 20.96 -41.89
C ASN A 97 8.52 20.82 -42.57
N PRO A 98 8.51 20.84 -43.93
CA PRO A 98 7.23 20.81 -44.65
C PRO A 98 6.49 19.50 -44.43
N LEU A 99 5.18 19.50 -44.67
CA LEU A 99 4.44 18.24 -44.69
C LEU A 99 4.74 17.56 -46.02
N ASP A 100 4.51 16.24 -46.08
CA ASP A 100 4.80 15.43 -47.27
C ASP A 100 4.24 16.04 -48.55
N GLN A 101 4.99 15.88 -49.65
CA GLN A 101 4.59 16.40 -50.95
C GLN A 101 3.18 15.95 -51.34
N ASN A 102 2.83 14.72 -50.97
CA ASN A 102 1.48 14.18 -51.17
C ASN A 102 0.41 15.09 -50.55
N THR A 103 0.32 15.08 -49.22
CA THR A 103 -0.62 15.93 -48.47
C THR A 103 -0.54 17.42 -48.83
N ALA A 104 0.68 17.89 -49.11
CA ALA A 104 0.91 19.30 -49.45
C ALA A 104 0.01 19.79 -50.59
N GLU A 105 0.28 19.34 -51.82
CA GLU A 105 -0.58 19.69 -52.96
C GLU A 105 -2.00 19.14 -52.81
N GLN A 106 -2.16 18.08 -52.02
CA GLN A 106 -3.47 17.48 -51.76
C GLN A 106 -4.36 18.41 -50.92
N GLN A 107 -3.82 18.92 -49.82
CA GLN A 107 -4.58 19.80 -48.93
C GLN A 107 -4.33 21.30 -49.18
N CYS A 108 -3.07 21.66 -49.36
CA CYS A 108 -2.69 23.06 -49.49
C CYS A 108 -2.01 23.33 -50.84
N GLY A 109 -2.64 22.89 -51.92
CA GLY A 109 -2.17 23.20 -53.25
C GLY A 109 -2.57 24.62 -53.60
N ILE A 110 -1.75 25.58 -53.18
CA ILE A 110 -2.05 27.01 -53.30
C ILE A 110 -0.93 27.69 -54.08
N SER A 111 -1.28 28.64 -54.94
CA SER A 111 -0.28 29.38 -55.71
C SER A 111 0.66 30.13 -54.78
N ASP A 112 0.09 30.91 -53.86
CA ASP A 112 0.90 31.74 -52.97
C ASP A 112 1.63 30.84 -51.95
N LYS A 113 2.95 30.83 -52.05
CA LYS A 113 3.79 29.95 -51.22
C LYS A 113 3.70 30.28 -49.74
N VAL A 114 3.37 31.53 -49.42
CA VAL A 114 3.20 31.94 -48.03
C VAL A 114 1.90 31.35 -47.49
N LEU A 115 0.88 31.34 -48.33
CA LEU A 115 -0.40 30.79 -47.93
C LEU A 115 -0.29 29.28 -47.68
N VAL A 116 0.57 28.61 -48.46
CA VAL A 116 0.88 27.20 -48.23
C VAL A 116 1.41 26.98 -46.80
N LEU A 117 2.29 27.86 -46.34
CA LEU A 117 2.83 27.79 -44.97
C LEU A 117 1.74 27.91 -43.91
N TYR A 118 0.79 28.82 -44.16
CA TYR A 118 -0.33 29.01 -43.24
C TYR A 118 -1.22 27.77 -43.21
N CYS A 119 -1.46 27.23 -44.40
CA CYS A 119 -2.32 26.07 -44.55
C CYS A 119 -1.71 24.86 -43.87
N GLU A 120 -0.42 24.65 -44.12
CA GLU A 120 0.31 23.56 -43.48
C GLU A 120 0.41 23.78 -41.98
N GLY A 121 0.54 25.04 -41.58
CA GLY A 121 0.57 25.38 -40.17
C GLY A 121 -0.72 24.98 -39.48
N LYS A 122 -1.85 25.22 -40.15
CA LYS A 122 -3.16 24.87 -39.59
C LYS A 122 -3.32 23.36 -39.45
N LEU A 123 -2.90 22.61 -40.48
CA LEU A 123 -2.98 21.16 -40.44
C LEU A 123 -2.12 20.59 -39.31
N LYS A 124 -0.94 21.16 -39.11
CA LYS A 124 -0.03 20.74 -38.06
C LYS A 124 -0.66 20.95 -36.69
N ILE A 125 -1.39 22.05 -36.53
CA ILE A 125 -2.11 22.30 -35.29
C ILE A 125 -3.22 21.27 -35.06
N GLU A 126 -3.96 20.98 -36.13
CA GLU A 126 -5.06 20.01 -36.07
C GLU A 126 -4.59 18.61 -35.73
N GLN A 127 -3.45 18.20 -36.32
CA GLN A 127 -2.85 16.90 -36.00
C GLN A 127 -2.42 16.84 -34.53
N GLU A 128 -1.92 17.94 -34.00
CA GLU A 128 -1.51 17.99 -32.60
C GLU A 128 -2.69 17.92 -31.66
N LYS A 129 -3.81 18.57 -32.00
CA LYS A 129 -5.00 18.48 -31.16
C LYS A 129 -5.44 17.02 -31.10
N GLN A 130 -5.40 16.33 -32.24
CA GLN A 130 -5.78 14.91 -32.27
C GLN A 130 -4.85 14.04 -31.46
N ASN A 131 -3.55 14.30 -31.56
CA ASN A 131 -2.55 13.59 -30.75
C ASN A 131 -2.90 13.75 -29.27
N ILE A 132 -3.21 14.97 -28.86
CA ILE A 132 -3.52 15.25 -27.47
C ILE A 132 -4.84 14.62 -27.01
N ARG A 133 -5.87 14.69 -27.85
CA ARG A 133 -7.15 14.03 -27.52
C ARG A 133 -6.98 12.52 -27.32
N GLU A 134 -6.21 11.87 -28.21
CA GLU A 134 -6.03 10.42 -28.14
C GLU A 134 -5.32 10.03 -26.84
N ARG A 135 -4.32 10.81 -26.44
CA ARG A 135 -3.60 10.53 -25.21
C ARG A 135 -4.46 10.80 -23.99
N LEU A 136 -5.27 11.85 -24.07
CA LEU A 136 -6.18 12.14 -22.96
C LEU A 136 -7.16 11.00 -22.79
N GLU A 137 -7.74 10.56 -23.90
CA GLU A 137 -8.73 9.49 -23.89
C GLU A 137 -8.14 8.17 -23.38
N THR A 138 -6.92 7.85 -23.82
CA THR A 138 -6.21 6.67 -23.32
C THR A 138 -5.98 6.76 -21.80
N SER A 139 -5.65 7.96 -21.31
CA SER A 139 -5.41 8.17 -19.89
C SER A 139 -6.68 7.97 -19.08
N LEU A 140 -7.76 8.61 -19.52
CA LEU A 140 -9.06 8.47 -18.88
C LEU A 140 -9.47 7.00 -18.76
N LYS A 141 -9.32 6.28 -19.87
CA LYS A 141 -9.73 4.88 -19.97
C LYS A 141 -8.89 3.99 -19.05
N ALA A 142 -7.57 4.22 -19.06
CA ALA A 142 -6.69 3.45 -18.19
C ALA A 142 -6.95 3.74 -16.70
N TYR A 143 -7.19 5.01 -16.36
CA TYR A 143 -7.50 5.35 -14.99
C TYR A 143 -8.82 4.71 -14.56
N GLN A 144 -9.84 4.87 -15.38
CA GLN A 144 -11.17 4.34 -15.09
C GLN A 144 -11.18 2.82 -15.01
N SER A 145 -10.30 2.19 -15.76
CA SER A 145 -10.15 0.73 -15.73
C SER A 145 -9.67 0.16 -14.40
N ASN A 146 -9.05 0.97 -13.55
CA ASN A 146 -8.42 0.42 -12.35
C ASN A 146 -8.75 1.11 -11.04
N ILE A 147 -9.32 2.31 -11.13
CA ILE A 147 -9.50 3.14 -9.95
C ILE A 147 -10.47 2.54 -8.92
N GLY A 148 -11.53 1.87 -9.38
CA GLY A 148 -12.55 1.32 -8.49
C GLY A 148 -11.99 0.18 -7.65
N GLY A 149 -11.38 -0.80 -8.32
CA GLY A 149 -10.74 -1.93 -7.68
C GLY A 149 -9.67 -1.46 -6.73
N THR A 150 -8.95 -0.43 -7.14
CA THR A 150 -7.89 0.12 -6.30
C THR A 150 -8.47 0.67 -5.01
N ALA A 151 -9.48 1.53 -5.11
CA ALA A 151 -10.00 2.18 -3.91
C ALA A 151 -10.58 1.13 -2.96
N SER A 152 -11.23 0.12 -3.53
N SER A 152 -11.23 0.10 -3.49
CA SER A 152 -11.84 -0.93 -2.72
CA SER A 152 -11.84 -0.90 -2.61
C SER A 152 -10.78 -1.76 -2.02
C SER A 152 -10.79 -1.85 -2.02
N LEU A 153 -9.75 -2.17 -2.77
CA LEU A 153 -8.71 -3.02 -2.24
C LEU A 153 -7.88 -2.33 -1.16
N ILE A 154 -7.64 -1.04 -1.33
CA ILE A 154 -6.95 -0.24 -0.33
C ILE A 154 -7.74 -0.32 0.99
N THR A 155 -9.03 0.01 0.91
CA THR A 155 -9.89 0.06 2.06
C THR A 155 -9.99 -1.30 2.76
N ALA A 156 -10.19 -2.37 1.99
CA ALA A 156 -10.29 -3.69 2.59
C ALA A 156 -9.00 -4.19 3.21
N SER A 157 -7.89 -4.07 2.50
CA SER A 157 -6.65 -4.62 3.00
C SER A 157 -6.17 -3.82 4.21
N GLN A 158 -6.32 -2.50 4.18
CA GLN A 158 -5.87 -1.69 5.30
C GLN A 158 -6.74 -1.93 6.52
N THR A 159 -8.03 -2.16 6.30
CA THR A 159 -8.90 -2.44 7.44
C THR A 159 -8.60 -3.80 8.03
N LEU A 160 -8.35 -4.78 7.17
CA LEU A 160 -7.96 -6.10 7.65
C LEU A 160 -6.64 -6.05 8.41
N VAL A 161 -5.65 -5.33 7.89
CA VAL A 161 -4.38 -5.23 8.60
C VAL A 161 -4.58 -4.57 9.96
N GLU A 162 -5.36 -3.49 9.97
N GLU A 162 -5.37 -3.50 9.98
CA GLU A 162 -5.63 -2.75 11.21
CA GLU A 162 -5.61 -2.77 11.21
C GLU A 162 -6.37 -3.60 12.23
C GLU A 162 -6.38 -3.59 12.24
N SER A 163 -7.31 -4.41 11.75
CA SER A 163 -8.10 -5.29 12.60
C SER A 163 -7.20 -6.29 13.34
N LEU A 164 -6.20 -6.80 12.64
CA LEU A 164 -5.28 -7.80 13.17
C LEU A 164 -4.31 -7.19 14.17
N LYS A 165 -3.91 -5.94 13.93
CA LYS A 165 -3.06 -5.26 14.88
C LYS A 165 -3.77 -4.96 16.20
N ASN A 166 -5.01 -4.47 16.10
CA ASN A 166 -5.81 -4.16 17.28
C ASN A 166 -6.08 -5.44 18.10
N LYS A 167 -6.49 -6.49 17.41
CA LYS A 167 -6.77 -7.77 18.08
C LYS A 167 -5.55 -8.24 18.82
N ASN A 168 -4.40 -8.22 18.15
CA ASN A 168 -3.14 -8.67 18.76
C ASN A 168 -2.69 -7.86 19.97
N PHE A 169 -2.87 -6.55 19.90
CA PHE A 169 -2.54 -5.68 21.01
C PHE A 169 -3.48 -5.95 22.21
N ILE A 170 -4.78 -5.99 21.97
CA ILE A 170 -5.73 -6.29 23.03
C ILE A 170 -5.49 -7.71 23.61
N LYS A 171 -5.22 -8.67 22.73
CA LYS A 171 -4.94 -10.05 23.14
C LYS A 171 -3.68 -10.10 24.02
N GLY A 172 -2.69 -9.26 23.70
CA GLY A 172 -1.45 -9.23 24.46
C GLY A 172 -1.68 -8.73 25.87
N ILE A 173 -2.57 -7.74 26.03
CA ILE A 173 -2.95 -7.23 27.36
C ILE A 173 -3.66 -8.32 28.20
N ARG A 174 -4.64 -9.00 27.60
CA ARG A 174 -5.40 -10.03 28.27
C ARG A 174 -4.54 -11.23 28.64
N LYS A 175 -3.63 -11.59 27.74
CA LYS A 175 -2.65 -12.66 28.01
C LYS A 175 -1.72 -12.32 29.18
N LEU A 176 -1.32 -11.06 29.29
CA LEU A 176 -0.46 -10.65 30.39
C LEU A 176 -1.23 -10.67 31.71
N MET A 177 -2.50 -10.29 31.67
CA MET A 177 -3.33 -10.32 32.88
C MET A 177 -3.54 -11.77 33.36
N LEU A 178 -3.79 -12.66 32.41
CA LEU A 178 -3.89 -14.09 32.71
C LEU A 178 -2.64 -14.64 33.37
N ALA A 179 -1.47 -14.26 32.81
CA ALA A 179 -0.18 -14.68 33.36
C ALA A 179 0.03 -14.15 34.78
N HIS A 180 -0.43 -12.92 35.04
CA HIS A 180 -0.33 -12.35 36.38
C HIS A 180 -1.26 -13.10 37.33
N ASN A 181 -2.48 -13.36 36.88
CA ASN A 181 -3.40 -14.16 37.69
C ASN A 181 -2.79 -15.51 38.05
N LYS A 182 -2.13 -16.19 37.10
CA LYS A 182 -1.53 -17.50 37.41
C LYS A 182 -0.42 -17.42 38.47
N VAL A 183 0.37 -16.34 38.43
CA VAL A 183 1.44 -16.14 39.40
C VAL A 183 0.85 -16.04 40.80
N PHE A 184 -0.21 -15.24 40.96
CA PHE A 184 -0.88 -15.09 42.25
C PHE A 184 -1.41 -16.44 42.72
N LEU A 185 -2.07 -17.16 41.82
CA LEU A 185 -2.68 -18.43 42.19
C LEU A 185 -1.63 -19.46 42.55
N ASN A 186 -0.48 -19.37 41.87
CA ASN A 186 0.63 -20.26 42.18
C ASN A 186 1.20 -20.00 43.57
N TYR A 187 1.22 -18.75 44.01
CA TYR A 187 1.66 -18.42 45.37
C TYR A 187 0.72 -19.03 46.40
N LEU A 188 -0.58 -18.92 46.15
CA LEU A 188 -1.56 -19.51 47.07
C LEU A 188 -1.35 -21.01 47.17
N GLU A 189 -1.10 -21.66 46.05
N GLU A 189 -1.10 -21.64 46.04
CA GLU A 189 -0.87 -23.11 46.03
CA GLU A 189 -0.87 -23.09 45.99
C GLU A 189 0.43 -23.50 46.71
C GLU A 189 0.42 -23.48 46.73
N GLU A 190 1.46 -22.68 46.56
CA GLU A 190 2.72 -22.93 47.26
C GLU A 190 2.54 -22.78 48.77
N LEU A 191 1.66 -21.87 49.18
CA LEU A 191 1.37 -21.68 50.61
C LEU A 191 0.53 -22.84 51.18
N ASP A 192 -0.45 -23.35 50.43
CA ASP A 192 -1.20 -24.53 50.85
C ASP A 192 -0.25 -25.73 51.01
N ALA A 193 0.64 -25.93 50.03
CA ALA A 193 1.62 -27.03 50.12
C ALA A 193 2.54 -26.88 51.32
N LEU A 194 3.01 -25.66 51.56
CA LEU A 194 3.92 -25.41 52.67
C LEU A 194 3.25 -25.67 53.99
N GLU A 195 1.98 -25.30 54.07
CA GLU A 195 1.17 -25.50 55.27
C GLU A 195 0.97 -26.99 55.57
N ARG A 196 0.74 -27.79 54.53
CA ARG A 196 0.58 -29.22 54.72
C ARG A 196 1.91 -29.85 55.13
N SER A 197 3.00 -29.38 54.54
CA SER A 197 4.33 -29.84 54.95
C SER A 197 4.66 -29.46 56.39
N LEU A 198 4.27 -28.24 56.78
CA LEU A 198 4.47 -27.78 58.15
C LEU A 198 3.70 -28.66 59.13
N GLU A 199 2.47 -29.03 58.74
CA GLU A 199 1.63 -29.85 59.61
C GLU A 199 2.21 -31.27 59.75
N GLN A 200 2.71 -31.80 58.64
CA GLN A 200 3.36 -33.10 58.67
C GLN A 200 4.63 -33.04 59.52
N SER A 201 5.41 -31.97 59.41
CA SER A 201 6.61 -31.80 60.21
C SER A 201 6.27 -31.76 61.71
N LYS A 202 5.12 -31.17 62.02
CA LYS A 202 4.69 -31.07 63.40
C LYS A 202 4.27 -32.44 63.97
N ARG A 203 3.62 -33.26 63.18
CA ARG A 203 3.20 -34.57 63.63
C ARG A 203 4.41 -35.44 63.85
N GLN A 204 5.47 -35.24 63.06
CA GLN A 204 6.72 -35.98 63.24
C GLN A 204 7.44 -35.53 64.49
N TYR A 205 7.48 -34.22 64.70
CA TYR A 205 8.05 -33.66 65.92
C TYR A 205 7.40 -34.26 67.17
N LEU A 206 6.08 -34.39 67.14
CA LEU A 206 5.34 -34.94 68.27
C LEU A 206 5.69 -36.40 68.48
N GLN A 207 5.92 -37.16 67.40
CA GLN A 207 6.34 -38.55 67.57
C GLN A 207 7.73 -38.62 68.17
N GLU A 208 8.60 -37.73 67.74
CA GLU A 208 9.95 -37.64 68.31
C GLU A 208 9.93 -37.22 69.78
N ARG A 209 8.99 -36.34 70.11
CA ARG A 209 8.87 -35.85 71.48
C ARG A 209 8.38 -36.98 72.37
N GLN A 210 7.33 -37.66 71.93
CA GLN A 210 6.79 -38.83 72.63
C GLN A 210 7.89 -39.86 72.92
N SER A 211 8.74 -40.09 71.92
CA SER A 211 9.85 -41.03 72.00
C SER A 211 10.89 -40.54 73.02
N SER A 212 11.23 -39.26 72.91
CA SER A 212 12.19 -38.64 73.80
C SER A 212 11.74 -38.78 75.26
N LYS A 213 10.47 -38.52 75.54
CA LYS A 213 9.96 -38.58 76.92
C LYS A 213 10.00 -40.01 77.44
N ILE A 214 9.74 -40.98 76.57
CA ILE A 214 9.79 -42.38 76.98
C ILE A 214 11.24 -42.75 77.37
N ILE A 215 12.19 -42.30 76.56
CA ILE A 215 13.59 -42.61 76.80
C ILE A 215 14.11 -41.97 78.09
N VAL A 216 13.84 -40.68 78.26
CA VAL A 216 14.34 -40.00 79.46
C VAL A 216 13.76 -40.58 80.75
N LYS A 217 12.51 -41.03 80.71
CA LYS A 217 11.91 -41.71 81.85
C LYS A 217 12.66 -42.99 82.17
N LEU A 218 13.03 -43.72 81.13
CA LEU A 218 13.78 -44.97 81.29
C LEU A 218 15.20 -44.76 81.85
N GLU A 219 15.80 -43.62 81.53
CA GLU A 219 17.13 -43.28 82.03
C GLU A 219 17.10 -42.65 83.43
N HIS A 220 16.08 -42.98 84.21
CA HIS A 220 15.93 -42.47 85.57
C HIS A 220 15.57 -43.61 86.52
C1 MRD B . -12.98 2.19 -19.39
C2 MRD B . -13.93 1.07 -19.00
O2 MRD B . -13.28 -0.19 -19.30
CM MRD B . -15.22 1.16 -19.79
C3 MRD B . -14.23 1.16 -17.50
C4 MRD B . -14.93 -0.09 -16.97
O4 MRD B . -16.30 0.17 -16.82
C5 MRD B . -14.33 -0.47 -15.62
#